data_7CIU
#
_entry.id   7CIU
#
_cell.length_a   49.201
_cell.length_b   59.905
_cell.length_c   64.850
_cell.angle_alpha   90.000
_cell.angle_beta   93.240
_cell.angle_gamma   90.000
#
_symmetry.space_group_name_H-M   'P 1 21 1'
#
loop_
_entity.id
_entity.type
_entity.pdbx_description
1 polymer 'Agmatine N-acetyltransferase'
2 water water
#
_entity_poly.entity_id   1
_entity_poly.type   'polypeptide(L)'
_entity_poly.pdbx_seq_one_letter_code
;MAKPIADDIVVRQVDVGETEQLMTFLLAHYYPEEPLTAGTHPPEPEAADKEFLLSNVPFGTCFVALHEGRIVAAVVAGPK
DSHEPEHMAEEARKYAGGKWGSILHLLSAVETATDVCRRFSVPSCLHVHALGVDPQLRGRNLGGRLMETVAQRGRDLGHQ
LVSVDCTSVYAARLVQRLGYQLINTLRYVDHLDASGQQVIRPPPPHESVQTFVLHL
;
_entity_poly.pdbx_strand_id   A,B
#
# COMPACT_ATOMS: atom_id res chain seq x y z
N ASP A 7 18.05 -0.88 13.25
CA ASP A 7 17.77 -0.35 11.93
C ASP A 7 18.94 0.51 11.46
N ASP A 8 19.63 -0.03 10.45
CA ASP A 8 20.95 0.33 9.94
C ASP A 8 20.92 1.33 8.78
N ILE A 9 19.74 1.64 8.26
CA ILE A 9 19.61 2.45 7.05
C ILE A 9 18.66 3.59 7.35
N VAL A 10 18.90 4.74 6.73
CA VAL A 10 17.97 5.87 6.73
C VAL A 10 17.46 6.06 5.31
N VAL A 11 16.15 6.18 5.15
CA VAL A 11 15.56 6.48 3.84
C VAL A 11 14.98 7.87 3.90
N ARG A 12 15.40 8.74 2.97
CA ARG A 12 14.86 10.09 3.01
C ARG A 12 14.76 10.65 1.59
N GLN A 13 13.87 11.64 1.47
CA GLN A 13 13.75 12.39 0.23
C GLN A 13 15.09 13.03 -0.14
N VAL A 14 15.38 13.06 -1.43
CA VAL A 14 16.51 13.83 -1.93
C VAL A 14 16.14 15.32 -1.91
N ASP A 15 17.02 16.15 -1.38
CA ASP A 15 16.85 17.60 -1.45
C ASP A 15 17.83 18.19 -2.45
N VAL A 16 17.43 19.29 -3.09
CA VAL A 16 18.06 19.70 -4.35
C VAL A 16 19.46 20.28 -4.18
N GLY A 17 19.98 20.36 -2.96
CA GLY A 17 21.41 20.57 -2.79
C GLY A 17 22.22 19.29 -2.72
N GLU A 18 21.60 18.15 -3.02
CA GLU A 18 22.26 16.86 -2.96
C GLU A 18 22.11 16.07 -4.26
N THR A 19 21.73 16.73 -5.36
CA THR A 19 21.50 15.99 -6.61
C THR A 19 22.80 15.47 -7.18
N GLU A 20 23.92 16.17 -6.97
CA GLU A 20 25.18 15.67 -7.53
C GLU A 20 25.64 14.40 -6.81
N GLN A 21 25.39 14.31 -5.51
CA GLN A 21 25.69 13.07 -4.80
C GLN A 21 24.78 11.94 -5.26
N LEU A 22 23.50 12.25 -5.52
CA LEU A 22 22.61 11.28 -6.14
C LEU A 22 23.16 10.81 -7.48
N MET A 23 23.60 11.76 -8.32
CA MET A 23 24.09 11.40 -9.65
C MET A 23 25.40 10.62 -9.58
N THR A 24 26.26 10.93 -8.61
CA THR A 24 27.48 10.15 -8.49
C THR A 24 27.14 8.69 -8.16
N PHE A 25 26.13 8.48 -7.30
CA PHE A 25 25.67 7.13 -6.99
C PHE A 25 25.16 6.45 -8.25
N LEU A 26 24.35 7.16 -9.04
CA LEU A 26 23.70 6.52 -10.17
C LEU A 26 24.73 6.13 -11.22
N LEU A 27 25.75 6.97 -11.40
CA LEU A 27 26.81 6.66 -12.34
C LEU A 27 27.62 5.45 -11.91
N ALA A 28 27.63 5.14 -10.61
CA ALA A 28 28.35 3.97 -10.13
C ALA A 28 27.51 2.70 -10.06
N HIS A 29 26.20 2.82 -9.80
CA HIS A 29 25.41 1.66 -9.43
C HIS A 29 24.07 1.53 -10.13
N TYR A 30 23.74 2.44 -11.03
CA TYR A 30 22.56 2.26 -11.86
C TYR A 30 22.93 2.19 -13.33
N TYR A 31 23.57 3.24 -13.85
CA TYR A 31 23.80 3.35 -15.29
C TYR A 31 24.68 2.26 -15.88
N PRO A 32 25.78 1.82 -15.22
CA PRO A 32 26.68 0.85 -15.89
C PRO A 32 26.02 -0.44 -16.31
N GLU A 33 25.16 -1.03 -15.50
CA GLU A 33 24.51 -2.28 -15.87
C GLU A 33 23.08 -2.11 -16.40
N GLU A 34 22.59 -0.88 -16.51
CA GLU A 34 21.24 -0.67 -17.01
C GLU A 34 21.20 -1.02 -18.50
N PRO A 35 20.29 -1.88 -18.94
CA PRO A 35 20.37 -2.38 -20.33
C PRO A 35 20.23 -1.32 -21.41
N LEU A 36 19.40 -0.27 -21.20
CA LEU A 36 19.27 0.78 -22.21
C LEU A 36 20.55 1.57 -22.37
N THR A 37 21.20 1.88 -21.23
CA THR A 37 22.52 2.51 -21.23
C THR A 37 23.60 1.57 -21.75
N ALA A 38 23.56 0.29 -21.37
CA ALA A 38 24.56 -0.66 -21.82
C ALA A 38 24.36 -1.07 -23.27
N GLY A 39 23.15 -0.94 -23.79
CA GLY A 39 22.85 -1.33 -25.15
C GLY A 39 22.85 -0.20 -26.15
N THR A 40 23.37 0.97 -25.78
CA THR A 40 23.54 2.10 -26.68
C THR A 40 24.94 2.67 -26.47
N HIS A 41 25.48 3.25 -27.51
CA HIS A 41 26.81 3.83 -27.49
C HIS A 41 26.73 5.35 -27.54
N PRO A 42 27.63 6.07 -26.85
CA PRO A 42 28.74 5.65 -25.99
C PRO A 42 28.22 5.21 -24.62
N PRO A 43 29.08 4.57 -23.80
CA PRO A 43 28.57 4.03 -22.52
C PRO A 43 28.12 5.10 -21.54
N GLU A 44 28.70 6.30 -21.60
CA GLU A 44 28.39 7.34 -20.62
C GLU A 44 27.06 8.00 -20.95
N PRO A 45 26.14 8.11 -20.00
CA PRO A 45 24.87 8.78 -20.30
C PRO A 45 25.09 10.24 -20.65
N GLU A 46 24.25 10.75 -21.54
CA GLU A 46 24.37 12.13 -22.00
C GLU A 46 23.76 13.06 -20.97
N ALA A 47 24.19 14.33 -20.99
CA ALA A 47 23.76 15.28 -19.98
C ALA A 47 22.24 15.39 -19.92
N ALA A 48 21.57 15.37 -21.07
CA ALA A 48 20.11 15.46 -21.09
C ALA A 48 19.46 14.29 -20.36
N ASP A 49 20.07 13.12 -20.48
CA ASP A 49 19.60 11.92 -19.78
C ASP A 49 19.69 12.13 -18.27
N LYS A 50 20.89 12.46 -17.80
CA LYS A 50 21.10 12.77 -16.39
C LYS A 50 20.22 13.91 -15.90
N GLU A 51 20.13 14.99 -16.70
CA GLU A 51 19.35 16.14 -16.24
C GLU A 51 17.86 15.84 -16.21
N PHE A 52 17.39 14.91 -17.06
CA PHE A 52 16.00 14.52 -16.93
C PHE A 52 15.76 13.82 -15.59
N LEU A 53 16.63 12.87 -15.24
CA LEU A 53 16.43 12.19 -13.96
C LEU A 53 16.41 13.20 -12.81
N LEU A 54 17.37 14.13 -12.79
CA LEU A 54 17.45 15.08 -11.70
C LEU A 54 16.29 16.06 -11.67
N SER A 55 15.64 16.31 -12.83
CA SER A 55 14.52 17.25 -12.84
C SER A 55 13.33 16.75 -12.04
N ASN A 56 13.35 15.49 -11.60
CA ASN A 56 12.29 14.94 -10.76
C ASN A 56 12.48 15.25 -9.29
N VAL A 57 13.69 15.64 -8.89
CA VAL A 57 13.97 15.90 -7.48
C VAL A 57 13.11 17.03 -6.90
N PRO A 58 12.87 18.15 -7.60
CA PRO A 58 11.98 19.18 -7.03
C PRO A 58 10.54 18.73 -6.81
N PHE A 59 10.10 17.60 -7.37
CA PHE A 59 8.75 17.13 -7.06
C PHE A 59 8.69 16.33 -5.77
N GLY A 60 9.82 16.11 -5.10
CA GLY A 60 9.79 15.37 -3.84
C GLY A 60 9.47 13.90 -3.99
N THR A 61 9.77 13.30 -5.14
CA THR A 61 9.45 11.91 -5.41
C THR A 61 10.69 11.07 -5.59
N CYS A 62 11.86 11.60 -5.28
CA CYS A 62 13.11 10.86 -5.36
C CYS A 62 13.59 10.58 -3.95
N PHE A 63 14.09 9.37 -3.71
CA PHE A 63 14.50 8.97 -2.38
C PHE A 63 15.83 8.23 -2.43
N VAL A 64 16.59 8.37 -1.35
CA VAL A 64 17.86 7.68 -1.20
C VAL A 64 17.83 6.89 0.10
N ALA A 65 18.52 5.75 0.10
CA ALA A 65 18.87 5.04 1.32
C ALA A 65 20.31 5.40 1.67
N LEU A 66 20.55 5.77 2.94
CA LEU A 66 21.88 6.19 3.38
C LEU A 66 22.39 5.27 4.47
N HIS A 67 23.69 4.98 4.41
CA HIS A 67 24.34 4.16 5.43
C HIS A 67 25.70 4.82 5.69
N GLU A 68 25.89 5.29 6.93
CA GLU A 68 27.13 5.94 7.37
C GLU A 68 27.57 7.07 6.44
N GLY A 69 26.61 7.91 6.06
CA GLY A 69 26.92 9.10 5.29
C GLY A 69 26.99 8.89 3.79
N ARG A 70 26.74 7.68 3.31
CA ARG A 70 26.86 7.36 1.89
C ARG A 70 25.52 6.88 1.34
N ILE A 71 25.22 7.28 0.11
CA ILE A 71 24.07 6.73 -0.59
C ILE A 71 24.38 5.30 -1.02
N VAL A 72 23.50 4.38 -0.63
CA VAL A 72 23.63 2.97 -1.01
C VAL A 72 22.47 2.47 -1.85
N ALA A 73 21.40 3.25 -2.01
CA ALA A 73 20.38 2.93 -3.01
C ALA A 73 19.62 4.21 -3.31
N ALA A 74 19.03 4.28 -4.50
CA ALA A 74 18.30 5.48 -4.88
C ALA A 74 17.16 5.08 -5.79
N VAL A 75 16.08 5.85 -5.74
CA VAL A 75 14.97 5.68 -6.64
C VAL A 75 14.56 7.07 -7.14
N VAL A 76 14.40 7.18 -8.45
CA VAL A 76 13.96 8.41 -9.12
C VAL A 76 12.56 8.13 -9.68
N ALA A 77 11.58 8.90 -9.22
CA ALA A 77 10.21 8.79 -9.70
C ALA A 77 9.69 10.19 -10.01
N GLY A 78 8.68 10.25 -10.87
CA GLY A 78 8.00 11.50 -11.09
C GLY A 78 6.59 11.28 -11.59
N PRO A 79 5.74 12.29 -11.48
CA PRO A 79 4.36 12.16 -11.97
C PRO A 79 4.27 12.23 -13.49
N LYS A 80 3.23 11.60 -14.03
CA LYS A 80 2.92 11.72 -15.45
C LYS A 80 1.41 11.66 -15.63
N ASP A 81 0.96 12.19 -16.76
CA ASP A 81 -0.46 12.20 -17.07
C ASP A 81 -0.71 11.62 -18.46
N SER A 82 -1.93 11.78 -18.98
CA SER A 82 -2.28 11.23 -20.29
C SER A 82 -1.56 11.93 -21.43
N HIS A 83 -0.85 13.01 -21.17
CA HIS A 83 -0.05 13.64 -22.22
C HIS A 83 1.31 12.97 -22.40
N GLU A 84 1.66 12.00 -21.55
CA GLU A 84 3.05 11.53 -21.55
C GLU A 84 3.42 10.80 -22.85
N PRO A 85 2.54 10.00 -23.48
CA PRO A 85 2.91 9.42 -24.78
C PRO A 85 3.34 10.47 -25.80
N GLU A 86 2.63 11.59 -25.91
CA GLU A 86 3.05 12.59 -26.89
C GLU A 86 4.30 13.33 -26.43
N HIS A 87 4.41 13.64 -25.13
CA HIS A 87 5.65 14.23 -24.60
C HIS A 87 6.86 13.37 -24.96
N MET A 88 6.80 12.08 -24.65
CA MET A 88 7.92 11.19 -24.93
C MET A 88 8.19 11.11 -26.43
N ALA A 89 7.13 11.06 -27.23
CA ALA A 89 7.32 11.01 -28.68
C ALA A 89 8.07 12.24 -29.18
N GLU A 90 7.70 13.42 -28.66
CA GLU A 90 8.38 14.66 -29.03
C GLU A 90 9.83 14.66 -28.57
N GLU A 91 10.09 14.19 -27.34
CA GLU A 91 11.47 14.10 -26.88
C GLU A 91 12.28 13.16 -27.75
N ALA A 92 11.70 12.00 -28.08
CA ALA A 92 12.40 11.06 -28.95
C ALA A 92 12.76 11.72 -30.28
N ARG A 93 11.83 12.47 -30.86
CA ARG A 93 12.09 13.11 -32.14
C ARG A 93 13.17 14.18 -32.03
N LYS A 94 13.18 14.92 -30.92
CA LYS A 94 14.13 16.02 -30.75
C LYS A 94 15.57 15.49 -30.59
N TYR A 95 15.74 14.35 -29.94
CA TYR A 95 17.05 13.81 -29.62
C TYR A 95 17.50 12.71 -30.57
N ALA A 96 16.71 12.42 -31.62
CA ALA A 96 17.08 11.37 -32.56
C ALA A 96 18.50 11.55 -33.07
N GLY A 97 19.23 10.44 -33.17
CA GLY A 97 20.61 10.45 -33.61
C GLY A 97 21.64 10.26 -32.52
N GLY A 98 21.29 10.55 -31.26
CA GLY A 98 22.20 10.37 -30.15
C GLY A 98 21.77 9.26 -29.20
N LYS A 99 22.56 9.12 -28.13
CA LYS A 99 22.33 8.07 -27.14
C LYS A 99 20.98 8.25 -26.44
N TRP A 100 20.73 9.45 -25.89
CA TRP A 100 19.45 9.73 -25.24
C TRP A 100 18.30 9.54 -26.23
N GLY A 101 18.50 9.91 -27.49
CA GLY A 101 17.46 9.69 -28.49
C GLY A 101 17.10 8.23 -28.68
N SER A 102 18.11 7.34 -28.64
CA SER A 102 17.80 5.92 -28.79
C SER A 102 17.05 5.39 -27.57
N ILE A 103 17.49 5.79 -26.37
CA ILE A 103 16.81 5.36 -25.16
C ILE A 103 15.38 5.88 -25.16
N LEU A 104 15.19 7.13 -25.56
CA LEU A 104 13.85 7.70 -25.62
C LEU A 104 13.01 7.03 -26.69
N HIS A 105 13.61 6.65 -27.81
CA HIS A 105 12.87 5.93 -28.86
C HIS A 105 12.21 4.72 -28.25
N LEU A 106 12.97 3.91 -27.48
CA LEU A 106 12.38 2.74 -26.86
C LEU A 106 11.39 3.12 -25.77
N LEU A 107 11.79 3.99 -24.86
CA LEU A 107 10.87 4.36 -23.79
C LEU A 107 9.57 4.95 -24.34
N SER A 108 9.64 5.69 -25.45
CA SER A 108 8.41 6.28 -26.00
C SER A 108 7.49 5.19 -26.57
N ALA A 109 8.07 4.19 -27.24
CA ALA A 109 7.28 3.04 -27.68
C ALA A 109 6.57 2.36 -26.50
N VAL A 110 7.27 2.23 -25.38
CA VAL A 110 6.66 1.61 -24.19
C VAL A 110 5.57 2.52 -23.65
N GLU A 111 5.82 3.83 -23.64
CA GLU A 111 4.81 4.74 -23.07
C GLU A 111 3.54 4.72 -23.90
N THR A 112 3.65 4.74 -25.23
CA THR A 112 2.45 4.75 -26.05
C THR A 112 1.72 3.43 -25.97
N ALA A 113 2.45 2.32 -25.88
CA ALA A 113 1.78 1.02 -25.80
C ALA A 113 1.08 0.84 -24.46
N THR A 114 1.67 1.32 -23.35
CA THR A 114 1.04 1.13 -22.06
C THR A 114 -0.08 2.14 -21.79
N ASP A 115 0.17 3.42 -22.08
CA ASP A 115 -0.82 4.49 -21.95
C ASP A 115 -1.61 4.39 -20.64
N VAL A 116 -0.89 4.37 -19.51
CA VAL A 116 -1.47 3.78 -18.31
C VAL A 116 -2.63 4.61 -17.77
N CYS A 117 -2.57 5.94 -17.89
CA CYS A 117 -3.67 6.76 -17.36
C CYS A 117 -4.99 6.44 -18.05
N ARG A 118 -4.96 6.26 -19.37
CA ARG A 118 -6.18 5.85 -20.07
C ARG A 118 -6.51 4.40 -19.75
N ARG A 119 -5.49 3.53 -19.69
CA ARG A 119 -5.72 2.10 -19.50
C ARG A 119 -6.33 1.79 -18.14
N PHE A 120 -6.00 2.57 -17.10
CA PHE A 120 -6.55 2.37 -15.78
C PHE A 120 -7.55 3.46 -15.41
N SER A 121 -7.86 4.36 -16.34
CA SER A 121 -8.85 5.42 -16.13
C SER A 121 -8.51 6.23 -14.88
N VAL A 122 -7.28 6.74 -14.88
CA VAL A 122 -6.77 7.46 -13.72
C VAL A 122 -6.21 8.80 -14.21
N PRO A 123 -6.33 9.87 -13.42
CA PRO A 123 -5.86 11.18 -13.92
C PRO A 123 -4.36 11.32 -13.93
N SER A 124 -3.63 10.49 -13.18
CA SER A 124 -2.19 10.66 -13.05
C SER A 124 -1.59 9.36 -12.50
N CYS A 125 -0.28 9.22 -12.66
CA CYS A 125 0.43 8.02 -12.27
C CYS A 125 1.84 8.43 -11.83
N LEU A 126 2.32 7.86 -10.74
CA LEU A 126 3.70 8.06 -10.32
C LEU A 126 4.58 7.05 -11.04
N HIS A 127 5.52 7.53 -11.85
CA HIS A 127 6.34 6.63 -12.67
C HIS A 127 7.76 6.56 -12.09
N VAL A 128 8.24 5.34 -11.88
CA VAL A 128 9.61 5.14 -11.40
C VAL A 128 10.53 5.06 -12.61
N HIS A 129 11.48 6.01 -12.69
CA HIS A 129 12.38 6.14 -13.82
C HIS A 129 13.68 5.38 -13.63
N ALA A 130 14.15 5.21 -12.40
CA ALA A 130 15.44 4.56 -12.16
C ALA A 130 15.47 4.05 -10.73
N LEU A 131 15.96 2.84 -10.55
CA LEU A 131 16.18 2.29 -9.22
C LEU A 131 17.54 1.62 -9.21
N GLY A 132 18.44 2.10 -8.37
CA GLY A 132 19.78 1.53 -8.27
C GLY A 132 20.09 1.16 -6.84
N VAL A 133 20.79 0.04 -6.67
CA VAL A 133 21.18 -0.46 -5.36
C VAL A 133 22.65 -0.85 -5.41
N ASP A 134 23.39 -0.54 -4.34
CA ASP A 134 24.77 -1.00 -4.18
C ASP A 134 24.72 -2.47 -3.78
N PRO A 135 25.21 -3.39 -4.60
CA PRO A 135 25.06 -4.81 -4.26
C PRO A 135 25.92 -5.25 -3.09
N GLN A 136 26.87 -4.42 -2.65
CA GLN A 136 27.79 -4.82 -1.59
C GLN A 136 27.12 -4.80 -0.23
N LEU A 137 26.09 -3.99 -0.06
CA LEU A 137 25.35 -3.90 1.19
C LEU A 137 24.20 -4.89 1.14
N ARG A 138 24.35 -6.03 1.80
CA ARG A 138 23.41 -7.14 1.63
C ARG A 138 22.44 -7.23 2.80
N GLY A 139 21.21 -7.66 2.50
CA GLY A 139 20.27 -8.04 3.53
C GLY A 139 19.55 -6.89 4.21
N ARG A 140 19.50 -5.72 3.59
CA ARG A 140 18.70 -4.62 4.11
C ARG A 140 17.49 -4.28 3.25
N ASN A 141 17.22 -5.06 2.20
CA ASN A 141 15.96 -4.93 1.46
C ASN A 141 15.82 -3.54 0.85
N LEU A 142 16.92 -3.02 0.31
CA LEU A 142 16.94 -1.61 -0.06
C LEU A 142 16.00 -1.32 -1.22
N GLY A 143 15.95 -2.22 -2.21
CA GLY A 143 15.11 -1.96 -3.36
C GLY A 143 13.64 -1.96 -2.99
N GLY A 144 13.24 -2.95 -2.17
CA GLY A 144 11.86 -3.01 -1.72
C GLY A 144 11.48 -1.83 -0.84
N ARG A 145 12.38 -1.40 0.05
CA ARG A 145 12.05 -0.29 0.94
C ARG A 145 11.89 1.00 0.18
N LEU A 146 12.70 1.21 -0.85
CA LEU A 146 12.58 2.42 -1.64
C LEU A 146 11.32 2.38 -2.51
N MET A 147 10.95 1.20 -3.03
CA MET A 147 9.72 1.11 -3.80
C MET A 147 8.51 1.35 -2.91
N GLU A 148 8.55 0.84 -1.69
CA GLU A 148 7.45 1.08 -0.77
C GLU A 148 7.35 2.56 -0.41
N THR A 149 8.50 3.23 -0.31
CA THR A 149 8.49 4.66 -0.02
C THR A 149 7.87 5.44 -1.17
N VAL A 150 8.24 5.10 -2.42
CA VAL A 150 7.63 5.73 -3.58
C VAL A 150 6.12 5.54 -3.56
N ALA A 151 5.66 4.33 -3.23
CA ALA A 151 4.21 4.09 -3.22
C ALA A 151 3.54 4.93 -2.14
N GLN A 152 4.17 5.03 -0.97
CA GLN A 152 3.56 5.81 0.11
C GLN A 152 3.52 7.29 -0.24
N ARG A 153 4.56 7.78 -0.92
CA ARG A 153 4.56 9.14 -1.43
C ARG A 153 3.47 9.33 -2.48
N GLY A 154 3.27 8.32 -3.34
CA GLY A 154 2.15 8.38 -4.27
C GLY A 154 0.83 8.53 -3.55
N ARG A 155 0.64 7.77 -2.47
CA ARG A 155 -0.62 7.86 -1.73
C ARG A 155 -0.80 9.23 -1.10
N ASP A 156 0.29 9.81 -0.57
CA ASP A 156 0.21 11.13 0.02
C ASP A 156 -0.18 12.17 -1.02
N LEU A 157 0.32 12.04 -2.24
CA LEU A 157 0.01 12.94 -3.35
C LEU A 157 -1.33 12.64 -4.00
N GLY A 158 -2.01 11.57 -3.59
CA GLY A 158 -3.30 11.24 -4.18
C GLY A 158 -3.22 10.52 -5.49
N HIS A 159 -2.02 10.16 -5.95
CA HIS A 159 -1.88 9.36 -7.16
C HIS A 159 -2.49 8.00 -6.91
N GLN A 160 -3.13 7.46 -7.94
CA GLN A 160 -3.82 6.19 -7.78
C GLN A 160 -3.04 5.01 -8.37
N LEU A 161 -1.90 5.28 -8.97
CA LEU A 161 -1.17 4.27 -9.73
C LEU A 161 0.32 4.56 -9.62
N VAL A 162 1.12 3.50 -9.53
CA VAL A 162 2.56 3.54 -9.71
C VAL A 162 2.90 2.69 -10.94
N SER A 163 3.78 3.20 -11.81
CA SER A 163 4.25 2.45 -12.97
C SER A 163 5.77 2.35 -12.97
N VAL A 164 6.31 1.27 -13.54
CA VAL A 164 7.76 1.12 -13.67
C VAL A 164 8.06 0.24 -14.86
N ASP A 165 9.07 0.63 -15.67
CA ASP A 165 9.54 -0.17 -16.82
C ASP A 165 10.80 -0.92 -16.35
N CYS A 166 10.68 -2.21 -16.12
CA CYS A 166 11.80 -3.02 -15.65
C CYS A 166 12.62 -3.46 -16.86
N THR A 167 13.79 -2.85 -17.04
CA THR A 167 14.63 -3.23 -18.15
C THR A 167 15.53 -4.41 -17.84
N SER A 168 15.62 -4.81 -16.57
CA SER A 168 16.35 -5.96 -16.07
C SER A 168 15.41 -6.87 -15.31
N VAL A 169 15.89 -8.06 -14.96
CA VAL A 169 15.03 -9.03 -14.29
C VAL A 169 15.19 -9.06 -12.77
N TYR A 170 16.28 -8.48 -12.21
CA TYR A 170 16.25 -8.18 -10.77
C TYR A 170 15.08 -7.25 -10.45
N ALA A 171 14.88 -6.22 -11.28
CA ALA A 171 13.81 -5.28 -11.02
C ALA A 171 12.45 -5.94 -11.21
N ALA A 172 12.31 -6.74 -12.27
CA ALA A 172 11.05 -7.42 -12.53
C ALA A 172 10.69 -8.35 -11.38
N ARG A 173 11.65 -9.15 -10.91
CA ARG A 173 11.36 -10.04 -9.78
C ARG A 173 11.01 -9.26 -8.53
N LEU A 174 11.65 -8.11 -8.33
CA LEU A 174 11.38 -7.31 -7.14
C LEU A 174 9.95 -6.78 -7.14
N VAL A 175 9.50 -6.21 -8.27
CA VAL A 175 8.15 -5.63 -8.26
C VAL A 175 7.09 -6.72 -8.29
N GLN A 176 7.39 -7.87 -8.91
CA GLN A 176 6.49 -9.02 -8.81
C GLN A 176 6.22 -9.35 -7.36
N ARG A 177 7.27 -9.38 -6.53
CA ARG A 177 7.09 -9.76 -5.14
C ARG A 177 6.49 -8.65 -4.31
N LEU A 178 6.40 -7.44 -4.85
CA LEU A 178 5.64 -6.34 -4.24
C LEU A 178 4.21 -6.26 -4.74
N GLY A 179 3.81 -7.17 -5.63
CA GLY A 179 2.44 -7.24 -6.05
C GLY A 179 2.11 -6.42 -7.27
N TYR A 180 3.10 -5.96 -8.04
CA TYR A 180 2.85 -5.23 -9.27
C TYR A 180 2.31 -6.19 -10.33
N GLN A 181 1.48 -5.66 -11.21
CA GLN A 181 0.90 -6.42 -12.31
C GLN A 181 1.64 -6.14 -13.61
N LEU A 182 2.05 -7.21 -14.31
CA LEU A 182 2.71 -7.05 -15.61
C LEU A 182 1.70 -6.64 -16.66
N ILE A 183 2.00 -5.58 -17.41
CA ILE A 183 1.04 -5.09 -18.40
C ILE A 183 1.59 -5.02 -19.81
N ASN A 184 2.91 -5.10 -20.01
CA ASN A 184 3.46 -4.95 -21.36
C ASN A 184 4.85 -5.54 -21.38
N THR A 185 5.19 -6.18 -22.51
CA THR A 185 6.53 -6.72 -22.76
C THR A 185 6.98 -6.33 -24.17
N LEU A 186 8.19 -5.81 -24.28
CA LEU A 186 8.75 -5.45 -25.58
C LEU A 186 10.16 -6.00 -25.67
N ARG A 187 10.39 -6.91 -26.61
CA ARG A 187 11.70 -7.48 -26.81
C ARG A 187 12.60 -6.49 -27.52
N TYR A 188 13.87 -6.42 -27.10
CA TYR A 188 14.78 -5.50 -27.75
C TYR A 188 14.99 -5.84 -29.22
N VAL A 189 14.94 -7.14 -29.56
CA VAL A 189 15.12 -7.53 -30.95
C VAL A 189 13.91 -7.18 -31.80
N ASP A 190 12.76 -6.93 -31.17
CA ASP A 190 11.55 -6.55 -31.90
C ASP A 190 11.39 -5.04 -32.09
N HIS A 191 12.26 -4.23 -31.52
CA HIS A 191 12.03 -2.79 -31.52
C HIS A 191 13.03 -2.09 -32.46
N LEU A 192 12.54 -1.67 -33.61
CA LEU A 192 13.37 -1.09 -34.65
C LEU A 192 12.97 0.36 -34.91
N ASP A 193 13.88 1.11 -35.50
CA ASP A 193 13.56 2.49 -35.88
C ASP A 193 13.04 2.50 -37.31
N ALA A 194 12.81 3.70 -37.87
CA ALA A 194 12.18 3.80 -39.18
C ALA A 194 13.06 3.25 -40.31
N SER A 195 14.35 3.07 -40.06
CA SER A 195 15.27 2.51 -41.03
C SER A 195 15.54 1.03 -40.78
N GLY A 196 14.76 0.40 -39.89
CA GLY A 196 14.91 -1.01 -39.62
C GLY A 196 16.08 -1.37 -38.73
N GLN A 197 16.67 -0.39 -38.04
CA GLN A 197 17.79 -0.64 -37.14
C GLN A 197 17.27 -1.03 -35.76
N GLN A 198 17.87 -2.05 -35.16
CA GLN A 198 17.55 -2.36 -33.77
C GLN A 198 17.99 -1.20 -32.88
N VAL A 199 17.08 -0.68 -32.06
CA VAL A 199 17.39 0.57 -31.34
C VAL A 199 18.32 0.31 -30.15
N ILE A 200 18.06 -0.74 -29.40
CA ILE A 200 18.80 -1.08 -28.17
C ILE A 200 19.43 -2.44 -28.38
N ARG A 201 20.76 -2.53 -28.21
CA ARG A 201 21.50 -3.79 -28.38
C ARG A 201 22.23 -4.13 -27.10
N PRO A 202 21.52 -4.66 -26.11
CA PRO A 202 22.14 -4.88 -24.80
C PRO A 202 22.84 -6.22 -24.73
N PRO A 203 23.69 -6.44 -23.73
CA PRO A 203 24.38 -7.71 -23.59
C PRO A 203 23.46 -8.77 -22.98
N PRO A 204 23.80 -10.04 -23.14
CA PRO A 204 23.12 -11.09 -22.36
C PRO A 204 23.16 -10.75 -20.88
N PRO A 205 22.11 -11.11 -20.11
CA PRO A 205 20.95 -11.90 -20.50
C PRO A 205 19.72 -11.10 -20.91
N HIS A 206 19.88 -9.81 -21.18
CA HIS A 206 18.75 -8.90 -21.29
C HIS A 206 18.02 -9.07 -22.62
N GLU A 207 16.72 -9.34 -22.55
CA GLU A 207 15.91 -9.65 -23.72
C GLU A 207 14.71 -8.74 -23.89
N SER A 208 14.16 -8.19 -22.81
CA SER A 208 12.95 -7.41 -22.97
C SER A 208 12.81 -6.36 -21.87
N VAL A 209 11.96 -5.38 -22.13
CA VAL A 209 11.53 -4.41 -21.13
C VAL A 209 10.10 -4.75 -20.74
N GLN A 210 9.88 -4.93 -19.44
CA GLN A 210 8.59 -5.32 -18.91
C GLN A 210 8.04 -4.19 -18.05
N THR A 211 6.82 -3.75 -18.37
CA THR A 211 6.20 -2.68 -17.60
C THR A 211 5.20 -3.25 -16.61
N PHE A 212 5.32 -2.83 -15.36
CA PHE A 212 4.50 -3.26 -14.25
C PHE A 212 3.79 -2.05 -13.66
N VAL A 213 2.61 -2.31 -13.09
CA VAL A 213 1.80 -1.26 -12.48
C VAL A 213 1.28 -1.78 -11.13
N LEU A 214 1.14 -0.88 -10.17
CA LEU A 214 0.52 -1.21 -8.89
C LEU A 214 -0.60 -0.22 -8.64
N HIS A 215 -1.80 -0.71 -8.39
CA HIS A 215 -2.91 0.18 -8.06
C HIS A 215 -2.79 0.59 -6.60
N LEU A 216 -2.87 1.89 -6.35
CA LEU A 216 -2.78 2.37 -4.98
C LEU A 216 -4.17 2.39 -4.36
N ASP B 8 -20.62 -2.33 -11.46
CA ASP B 8 -21.29 -2.21 -10.17
C ASP B 8 -20.38 -2.77 -9.07
N ILE B 9 -20.93 -3.03 -7.88
CA ILE B 9 -20.20 -3.56 -6.73
C ILE B 9 -20.75 -4.94 -6.41
N VAL B 10 -19.85 -5.90 -6.16
CA VAL B 10 -20.21 -7.24 -5.71
C VAL B 10 -19.64 -7.44 -4.30
N VAL B 11 -20.46 -8.00 -3.40
CA VAL B 11 -20.01 -8.40 -2.06
C VAL B 11 -19.80 -9.90 -2.03
N ARG B 12 -18.64 -10.35 -1.54
CA ARG B 12 -18.38 -11.78 -1.45
C ARG B 12 -17.78 -12.12 -0.10
N GLN B 13 -18.03 -13.36 0.33
CA GLN B 13 -17.45 -13.85 1.58
C GLN B 13 -15.96 -14.14 1.38
N VAL B 14 -15.15 -13.82 2.40
CA VAL B 14 -13.72 -14.11 2.36
C VAL B 14 -13.50 -15.58 2.70
N ASP B 15 -12.67 -16.25 1.91
CA ASP B 15 -12.41 -17.69 2.02
C ASP B 15 -11.15 -17.96 2.85
N VAL B 16 -11.18 -19.03 3.65
CA VAL B 16 -10.01 -19.44 4.42
C VAL B 16 -8.80 -19.64 3.53
N GLY B 17 -9.02 -20.14 2.30
CA GLY B 17 -7.90 -20.42 1.41
C GLY B 17 -7.09 -19.18 1.08
N GLU B 18 -7.77 -18.07 0.74
CA GLU B 18 -7.10 -16.91 0.16
C GLU B 18 -7.46 -15.63 0.93
N THR B 19 -6.53 -15.19 1.79
CA THR B 19 -6.71 -13.96 2.54
C THR B 19 -5.69 -12.89 2.14
N GLU B 20 -4.90 -13.15 1.11
CA GLU B 20 -3.79 -12.25 0.83
C GLU B 20 -4.27 -10.93 0.24
N GLN B 21 -5.28 -10.97 -0.64
CA GLN B 21 -5.77 -9.71 -1.19
C GLN B 21 -6.59 -8.93 -0.17
N LEU B 22 -7.24 -9.63 0.76
CA LEU B 22 -7.84 -8.95 1.92
C LEU B 22 -6.77 -8.26 2.74
N MET B 23 -5.69 -8.98 3.08
CA MET B 23 -4.64 -8.33 3.87
C MET B 23 -3.98 -7.20 3.10
N THR B 24 -3.77 -7.37 1.78
CA THR B 24 -3.19 -6.28 0.99
C THR B 24 -4.04 -5.04 1.07
N PHE B 25 -5.37 -5.20 0.95
CA PHE B 25 -6.26 -4.06 1.09
C PHE B 25 -6.21 -3.47 2.49
N LEU B 26 -6.14 -4.33 3.52
CA LEU B 26 -6.14 -3.84 4.89
C LEU B 26 -4.87 -3.07 5.20
N LEU B 27 -3.71 -3.55 4.72
CA LEU B 27 -2.45 -2.84 4.87
C LEU B 27 -2.43 -1.53 4.11
N ALA B 28 -3.29 -1.39 3.11
CA ALA B 28 -3.35 -0.17 2.32
C ALA B 28 -4.45 0.80 2.76
N HIS B 29 -5.57 0.32 3.30
CA HIS B 29 -6.72 1.19 3.53
C HIS B 29 -7.37 1.01 4.90
N TYR B 30 -6.79 0.19 5.78
CA TYR B 30 -7.30 0.05 7.14
C TYR B 30 -6.25 0.41 8.19
N TYR B 31 -5.11 -0.26 8.15
CA TYR B 31 -4.05 -0.10 9.16
C TYR B 31 -3.40 1.26 9.14
N PRO B 32 -3.12 1.87 7.98
CA PRO B 32 -2.51 3.22 7.99
C PRO B 32 -3.22 4.23 8.89
N GLU B 33 -4.55 4.27 8.87
CA GLU B 33 -5.29 5.27 9.64
C GLU B 33 -5.81 4.74 10.98
N GLU B 34 -5.61 3.46 11.26
CA GLU B 34 -6.17 2.85 12.46
C GLU B 34 -5.46 3.40 13.70
N PRO B 35 -6.21 3.88 14.71
CA PRO B 35 -5.55 4.58 15.82
C PRO B 35 -4.76 3.67 16.75
N LEU B 36 -5.15 2.41 16.90
CA LEU B 36 -4.48 1.56 17.88
C LEU B 36 -3.04 1.28 17.46
N THR B 37 -2.84 0.87 16.21
CA THR B 37 -1.47 0.67 15.73
C THR B 37 -0.73 1.98 15.59
N ALA B 38 -1.43 3.07 15.29
CA ALA B 38 -0.77 4.37 15.12
C ALA B 38 -0.34 4.98 16.44
N GLY B 39 -0.79 4.46 17.58
CA GLY B 39 -0.50 5.10 18.85
C GLY B 39 -0.31 4.21 20.06
N GLU B 44 3.03 0.45 12.39
CA GLU B 44 3.34 -0.78 11.67
C GLU B 44 2.67 -1.98 12.36
N PRO B 45 1.83 -2.69 11.62
CA PRO B 45 1.02 -3.76 12.24
C PRO B 45 1.86 -4.95 12.65
N GLU B 46 1.75 -5.32 13.93
CA GLU B 46 2.37 -6.54 14.43
C GLU B 46 1.86 -7.75 13.67
N ALA B 47 2.71 -8.78 13.58
CA ALA B 47 2.29 -10.04 12.98
C ALA B 47 1.08 -10.62 13.71
N ALA B 48 1.04 -10.44 15.03
CA ALA B 48 -0.06 -10.97 15.83
C ALA B 48 -1.35 -10.19 15.62
N ASP B 49 -1.25 -8.88 15.38
CA ASP B 49 -2.43 -8.09 15.03
C ASP B 49 -3.10 -8.64 13.78
N LYS B 50 -2.31 -8.80 12.70
CA LYS B 50 -2.87 -9.35 11.47
C LYS B 50 -3.47 -10.73 11.68
N GLU B 51 -2.76 -11.59 12.42
CA GLU B 51 -3.26 -12.94 12.72
C GLU B 51 -4.55 -12.88 13.55
N PHE B 52 -4.65 -11.91 14.45
CA PHE B 52 -5.88 -11.69 15.22
C PHE B 52 -7.07 -11.41 14.30
N LEU B 53 -6.89 -10.51 13.32
CA LEU B 53 -7.98 -10.22 12.40
C LEU B 53 -8.33 -11.43 11.54
N LEU B 54 -7.31 -12.11 11.01
CA LEU B 54 -7.59 -13.23 10.12
C LEU B 54 -8.13 -14.45 10.85
N SER B 55 -8.00 -14.51 12.18
CA SER B 55 -8.61 -15.61 12.94
C SER B 55 -10.11 -15.67 12.75
N ASN B 56 -10.69 -14.59 12.25
CA ASN B 56 -12.13 -14.51 12.05
C ASN B 56 -12.57 -15.12 10.74
N VAL B 57 -11.68 -15.21 9.75
CA VAL B 57 -12.10 -15.68 8.41
C VAL B 57 -12.73 -17.05 8.45
N PRO B 58 -12.26 -18.04 9.23
CA PRO B 58 -12.88 -19.37 9.17
C PRO B 58 -14.35 -19.41 9.58
N PHE B 59 -14.88 -18.37 10.24
CA PHE B 59 -16.28 -18.36 10.62
C PHE B 59 -17.22 -17.87 9.52
N GLY B 60 -16.69 -17.50 8.35
CA GLY B 60 -17.53 -17.06 7.25
C GLY B 60 -18.17 -15.71 7.49
N THR B 61 -17.52 -14.85 8.28
CA THR B 61 -18.11 -13.60 8.73
C THR B 61 -17.29 -12.38 8.29
N CYS B 62 -16.35 -12.58 7.37
CA CYS B 62 -15.63 -11.49 6.74
C CYS B 62 -16.08 -11.36 5.29
N PHE B 63 -16.23 -10.12 4.83
CA PHE B 63 -16.76 -9.87 3.50
C PHE B 63 -15.95 -8.77 2.83
N VAL B 64 -15.84 -8.86 1.52
CA VAL B 64 -15.18 -7.80 0.76
C VAL B 64 -16.16 -7.29 -0.28
N ALA B 65 -16.01 -6.01 -0.62
CA ALA B 65 -16.73 -5.40 -1.73
C ALA B 65 -15.79 -5.29 -2.91
N LEU B 66 -16.23 -5.75 -4.08
CA LEU B 66 -15.37 -5.88 -5.24
C LEU B 66 -15.87 -4.99 -6.36
N HIS B 67 -14.97 -4.24 -6.96
CA HIS B 67 -15.21 -3.52 -8.21
C HIS B 67 -14.47 -4.27 -9.31
N GLU B 68 -15.20 -5.09 -10.06
CA GLU B 68 -14.62 -5.92 -11.12
C GLU B 68 -13.43 -6.74 -10.59
N GLY B 69 -13.66 -7.41 -9.47
CA GLY B 69 -12.68 -8.31 -8.91
C GLY B 69 -11.69 -7.69 -7.95
N ARG B 70 -11.68 -6.36 -7.81
CA ARG B 70 -10.70 -5.65 -7.01
C ARG B 70 -11.33 -5.14 -5.71
N ILE B 71 -10.61 -5.29 -4.60
CA ILE B 71 -11.16 -4.95 -3.29
C ILE B 71 -11.15 -3.44 -3.10
N VAL B 72 -12.32 -2.90 -2.75
CA VAL B 72 -12.48 -1.49 -2.42
C VAL B 72 -13.12 -1.27 -1.05
N ALA B 73 -13.61 -2.32 -0.40
CA ALA B 73 -13.99 -2.22 1.00
C ALA B 73 -13.93 -3.61 1.60
N ALA B 74 -13.68 -3.67 2.91
CA ALA B 74 -13.62 -4.96 3.59
C ALA B 74 -14.11 -4.82 5.03
N VAL B 75 -14.74 -5.86 5.53
CA VAL B 75 -15.20 -5.93 6.92
C VAL B 75 -14.75 -7.27 7.52
N VAL B 76 -14.16 -7.21 8.70
CA VAL B 76 -13.73 -8.40 9.42
C VAL B 76 -14.58 -8.48 10.67
N ALA B 77 -15.33 -9.57 10.80
CA ALA B 77 -16.15 -9.82 11.97
C ALA B 77 -16.05 -11.28 12.37
N GLY B 78 -16.45 -11.57 13.60
CA GLY B 78 -16.52 -12.94 14.07
C GLY B 78 -17.32 -13.06 15.34
N PRO B 79 -17.76 -14.28 15.66
CA PRO B 79 -18.60 -14.46 16.84
C PRO B 79 -17.78 -14.44 18.12
N LYS B 80 -18.44 -14.04 19.21
CA LYS B 80 -17.88 -14.17 20.55
C LYS B 80 -18.99 -14.62 21.47
N ASP B 81 -18.63 -15.02 22.70
CA ASP B 81 -19.64 -15.34 23.70
C ASP B 81 -19.34 -14.66 25.02
N SER B 82 -20.08 -15.01 26.07
CA SER B 82 -19.91 -14.37 27.37
C SER B 82 -18.58 -14.69 28.04
N HIS B 83 -17.81 -15.64 27.51
CA HIS B 83 -16.45 -15.85 28.00
C HIS B 83 -15.47 -14.82 27.46
N GLU B 84 -15.86 -14.03 26.46
CA GLU B 84 -14.89 -13.18 25.78
C GLU B 84 -14.20 -12.18 26.70
N PRO B 85 -14.85 -11.56 27.69
CA PRO B 85 -14.07 -10.73 28.64
C PRO B 85 -12.92 -11.47 29.30
N GLU B 86 -13.18 -12.68 29.80
CA GLU B 86 -12.12 -13.48 30.42
C GLU B 86 -11.02 -13.81 29.42
N HIS B 87 -11.41 -14.23 28.20
CA HIS B 87 -10.42 -14.65 27.20
C HIS B 87 -9.52 -13.50 26.76
N MET B 88 -10.09 -12.31 26.60
CA MET B 88 -9.29 -11.17 26.15
C MET B 88 -8.36 -10.69 27.25
N ALA B 89 -8.82 -10.73 28.50
CA ALA B 89 -7.93 -10.38 29.60
C ALA B 89 -6.74 -11.33 29.66
N GLU B 90 -6.98 -12.62 29.38
CA GLU B 90 -5.89 -13.60 29.33
C GLU B 90 -4.93 -13.30 28.20
N GLU B 91 -5.45 -12.98 27.00
CA GLU B 91 -4.57 -12.61 25.89
C GLU B 91 -3.78 -11.35 26.21
N ALA B 92 -4.43 -10.35 26.83
CA ALA B 92 -3.71 -9.15 27.22
C ALA B 92 -2.59 -9.49 28.19
N ARG B 93 -2.84 -10.43 29.10
CA ARG B 93 -1.79 -10.84 30.05
C ARG B 93 -0.64 -11.54 29.33
N LYS B 94 -0.95 -12.45 28.40
CA LYS B 94 0.09 -13.26 27.76
C LYS B 94 1.07 -12.40 26.97
N TYR B 95 0.62 -11.28 26.40
CA TYR B 95 1.43 -10.48 25.50
C TYR B 95 1.90 -9.17 26.13
N ALA B 96 1.73 -9.00 27.45
CA ALA B 96 2.02 -7.72 28.06
C ALA B 96 3.51 -7.41 27.92
N GLY B 97 3.82 -6.11 27.78
CA GLY B 97 5.18 -5.65 27.61
C GLY B 97 5.52 -5.19 26.20
N GLY B 98 4.80 -5.69 25.19
CA GLY B 98 5.06 -5.35 23.82
C GLY B 98 3.94 -4.55 23.18
N LYS B 99 4.15 -4.20 21.90
CA LYS B 99 3.18 -3.36 21.18
C LYS B 99 1.82 -4.06 21.08
N TRP B 100 1.83 -5.33 20.69
CA TRP B 100 0.58 -6.08 20.62
C TRP B 100 -0.09 -6.14 21.98
N GLY B 101 0.69 -6.31 23.05
CA GLY B 101 0.11 -6.34 24.38
C GLY B 101 -0.59 -5.03 24.74
N SER B 102 -0.04 -3.90 24.29
CA SER B 102 -0.68 -2.61 24.56
C SER B 102 -2.05 -2.51 23.89
N ILE B 103 -2.11 -2.88 22.61
CA ILE B 103 -3.39 -2.87 21.90
C ILE B 103 -4.38 -3.77 22.62
N LEU B 104 -3.94 -4.98 22.97
CA LEU B 104 -4.80 -5.92 23.66
C LEU B 104 -5.28 -5.37 25.00
N HIS B 105 -4.40 -4.65 25.70
CA HIS B 105 -4.78 -4.04 26.97
C HIS B 105 -5.99 -3.15 26.78
N LEU B 106 -5.97 -2.31 25.75
CA LEU B 106 -7.11 -1.47 25.41
C LEU B 106 -8.32 -2.31 25.01
N LEU B 107 -8.12 -3.25 24.07
CA LEU B 107 -9.26 -4.05 23.61
C LEU B 107 -9.87 -4.84 24.76
N SER B 108 -9.05 -5.31 25.70
CA SER B 108 -9.62 -6.04 26.82
C SER B 108 -10.42 -5.12 27.74
N ALA B 109 -9.91 -3.90 27.99
CA ALA B 109 -10.66 -2.95 28.81
C ALA B 109 -12.04 -2.71 28.23
N VAL B 110 -12.11 -2.52 26.91
CA VAL B 110 -13.39 -2.28 26.26
C VAL B 110 -14.27 -3.52 26.31
N GLU B 111 -13.70 -4.70 26.06
CA GLU B 111 -14.51 -5.92 26.16
C GLU B 111 -15.05 -6.12 27.57
N THR B 112 -14.23 -5.88 28.60
CA THR B 112 -14.71 -6.03 29.97
C THR B 112 -15.82 -5.03 30.29
N ALA B 113 -15.67 -3.79 29.83
CA ALA B 113 -16.62 -2.75 30.18
C ALA B 113 -17.96 -2.94 29.46
N THR B 114 -17.94 -3.43 28.23
CA THR B 114 -19.19 -3.60 27.48
C THR B 114 -19.87 -4.91 27.81
N ASP B 115 -19.11 -6.01 27.87
CA ASP B 115 -19.60 -7.31 28.33
C ASP B 115 -20.97 -7.63 27.73
N VAL B 116 -21.06 -7.54 26.41
CA VAL B 116 -22.36 -7.33 25.77
C VAL B 116 -23.26 -8.55 25.87
N CYS B 117 -22.70 -9.77 25.90
CA CYS B 117 -23.53 -10.96 26.00
C CYS B 117 -24.27 -11.01 27.32
N ARG B 118 -23.56 -10.73 28.43
CA ARG B 118 -24.21 -10.66 29.73
C ARG B 118 -25.05 -9.38 29.87
N ARG B 119 -24.56 -8.26 29.34
CA ARG B 119 -25.28 -7.00 29.45
C ARG B 119 -26.66 -7.10 28.83
N PHE B 120 -26.75 -7.66 27.63
CA PHE B 120 -28.01 -7.74 26.91
C PHE B 120 -28.61 -9.13 26.92
N SER B 121 -28.08 -10.03 27.77
CA SER B 121 -28.61 -11.38 27.97
C SER B 121 -28.79 -12.14 26.65
N VAL B 122 -27.72 -12.20 25.87
CA VAL B 122 -27.73 -13.00 24.65
C VAL B 122 -26.62 -14.04 24.76
N PRO B 123 -26.75 -15.17 24.06
CA PRO B 123 -25.71 -16.21 24.17
C PRO B 123 -24.43 -15.88 23.41
N SER B 124 -24.50 -15.01 22.41
CA SER B 124 -23.34 -14.74 21.58
C SER B 124 -23.57 -13.45 20.82
N CYS B 125 -22.48 -12.91 20.29
CA CYS B 125 -22.51 -11.65 19.55
C CYS B 125 -21.62 -11.79 18.32
N LEU B 126 -22.07 -11.28 17.18
CA LEU B 126 -21.18 -11.10 16.03
C LEU B 126 -20.47 -9.76 16.22
N HIS B 127 -19.16 -9.80 16.36
CA HIS B 127 -18.40 -8.58 16.62
C HIS B 127 -17.63 -8.19 15.38
N VAL B 128 -17.78 -6.93 14.97
CA VAL B 128 -17.05 -6.38 13.84
C VAL B 128 -15.71 -5.85 14.36
N HIS B 129 -14.62 -6.42 13.87
CA HIS B 129 -13.28 -6.03 14.32
C HIS B 129 -12.63 -4.96 13.46
N ALA B 130 -12.94 -4.90 12.17
CA ALA B 130 -12.28 -3.96 11.27
C ALA B 130 -13.21 -3.64 10.11
N LEU B 131 -13.28 -2.36 9.74
CA LEU B 131 -14.03 -1.91 8.57
C LEU B 131 -13.16 -0.96 7.77
N GLY B 132 -12.89 -1.31 6.52
CA GLY B 132 -11.99 -0.49 5.74
C GLY B 132 -12.61 -0.20 4.40
N VAL B 133 -12.58 1.07 3.98
CA VAL B 133 -13.15 1.52 2.72
C VAL B 133 -12.13 2.36 1.97
N ASP B 134 -12.05 2.16 0.68
CA ASP B 134 -11.29 3.05 -0.17
C ASP B 134 -12.04 4.36 -0.33
N PRO B 135 -11.51 5.50 0.13
CA PRO B 135 -12.24 6.76 -0.03
C PRO B 135 -12.29 7.26 -1.46
N GLN B 136 -11.55 6.65 -2.39
CA GLN B 136 -11.60 7.07 -3.78
C GLN B 136 -13.00 6.88 -4.36
N LEU B 137 -13.54 5.68 -4.23
CA LEU B 137 -14.86 5.36 -4.78
C LEU B 137 -15.94 6.01 -3.93
N ARG B 138 -16.71 6.93 -4.52
CA ARG B 138 -17.69 7.73 -3.80
C ARG B 138 -19.10 7.42 -4.28
N GLY B 139 -20.06 7.55 -3.36
CA GLY B 139 -21.46 7.40 -3.70
C GLY B 139 -21.95 5.98 -3.83
N ARG B 140 -21.12 4.98 -3.53
CA ARG B 140 -21.52 3.59 -3.63
C ARG B 140 -21.89 2.98 -2.28
N ASN B 141 -21.80 3.75 -1.18
CA ASN B 141 -22.27 3.31 0.13
C ASN B 141 -21.63 1.98 0.54
N LEU B 142 -20.31 1.91 0.39
CA LEU B 142 -19.61 0.64 0.58
C LEU B 142 -19.68 0.18 2.04
N GLY B 143 -19.40 1.10 2.97
CA GLY B 143 -19.41 0.73 4.38
C GLY B 143 -20.77 0.26 4.86
N GLY B 144 -21.82 0.99 4.48
CA GLY B 144 -23.16 0.57 4.86
C GLY B 144 -23.53 -0.78 4.27
N ARG B 145 -23.14 -1.00 3.01
CA ARG B 145 -23.40 -2.27 2.37
C ARG B 145 -22.74 -3.42 3.11
N LEU B 146 -21.50 -3.23 3.58
CA LEU B 146 -20.85 -4.35 4.26
C LEU B 146 -21.38 -4.55 5.67
N MET B 147 -21.73 -3.46 6.35
CA MET B 147 -22.35 -3.62 7.67
C MET B 147 -23.70 -4.31 7.57
N GLU B 148 -24.47 -4.00 6.50
CA GLU B 148 -25.74 -4.70 6.31
C GLU B 148 -25.53 -6.17 6.00
N THR B 149 -24.46 -6.48 5.25
CA THR B 149 -24.12 -7.87 4.96
C THR B 149 -23.79 -8.62 6.23
N VAL B 150 -23.05 -7.98 7.13
CA VAL B 150 -22.72 -8.60 8.41
C VAL B 150 -23.98 -8.85 9.22
N ALA B 151 -24.89 -7.88 9.27
CA ALA B 151 -26.13 -8.08 9.99
C ALA B 151 -26.95 -9.21 9.39
N GLN B 152 -26.99 -9.29 8.06
CA GLN B 152 -27.73 -10.37 7.40
C GLN B 152 -27.08 -11.72 7.70
N ARG B 153 -25.75 -11.79 7.68
CA ARG B 153 -25.04 -13.02 8.04
C ARG B 153 -25.32 -13.40 9.48
N GLY B 154 -25.36 -12.41 10.38
CA GLY B 154 -25.68 -12.71 11.77
C GLY B 154 -27.06 -13.31 11.91
N ARG B 155 -28.05 -12.75 11.20
CA ARG B 155 -29.39 -13.32 11.20
C ARG B 155 -29.38 -14.75 10.65
N ASP B 156 -28.72 -14.95 9.51
CA ASP B 156 -28.55 -16.29 8.93
C ASP B 156 -28.04 -17.27 9.97
N LEU B 157 -27.00 -16.86 10.71
CA LEU B 157 -26.37 -17.69 11.72
C LEU B 157 -27.16 -17.73 13.02
N GLY B 158 -28.23 -16.96 13.13
CA GLY B 158 -29.01 -16.98 14.35
C GLY B 158 -28.41 -16.20 15.51
N HIS B 159 -27.46 -15.32 15.24
CA HIS B 159 -26.97 -14.43 16.28
C HIS B 159 -28.01 -13.36 16.58
N GLN B 160 -28.07 -12.92 17.84
CA GLN B 160 -29.06 -11.95 18.26
C GLN B 160 -28.51 -10.53 18.36
N LEU B 161 -27.22 -10.33 18.16
CA LEU B 161 -26.61 -9.04 18.45
C LEU B 161 -25.35 -8.85 17.61
N VAL B 162 -25.16 -7.63 17.12
CA VAL B 162 -23.93 -7.23 16.43
C VAL B 162 -23.31 -6.10 17.25
N SER B 163 -21.99 -6.16 17.44
CA SER B 163 -21.26 -5.12 18.17
C SER B 163 -20.07 -4.66 17.35
N VAL B 164 -19.63 -3.43 17.61
CA VAL B 164 -18.54 -2.82 16.86
C VAL B 164 -17.94 -1.73 17.73
N ASP B 165 -16.61 -1.70 17.85
CA ASP B 165 -15.90 -0.67 18.63
C ASP B 165 -15.40 0.38 17.65
N CYS B 166 -16.15 1.47 17.49
CA CYS B 166 -15.79 2.49 16.52
C CYS B 166 -14.60 3.31 16.98
N THR B 167 -13.62 3.45 16.10
CA THR B 167 -12.43 4.23 16.40
C THR B 167 -12.24 5.42 15.45
N SER B 168 -13.25 5.73 14.63
CA SER B 168 -13.17 6.81 13.67
C SER B 168 -14.53 7.47 13.56
N VAL B 169 -14.53 8.72 13.08
CA VAL B 169 -15.78 9.45 12.95
C VAL B 169 -16.60 8.88 11.80
N TYR B 170 -15.95 8.39 10.74
CA TYR B 170 -16.68 7.72 9.67
C TYR B 170 -17.50 6.56 10.22
N ALA B 171 -16.85 5.69 11.00
CA ALA B 171 -17.52 4.48 11.48
C ALA B 171 -18.60 4.80 12.50
N ALA B 172 -18.33 5.75 13.40
CA ALA B 172 -19.33 6.10 14.39
C ALA B 172 -20.56 6.71 13.72
N ARG B 173 -20.36 7.60 12.76
CA ARG B 173 -21.48 8.21 12.05
C ARG B 173 -22.23 7.17 11.24
N LEU B 174 -21.51 6.25 10.61
CA LEU B 174 -22.15 5.21 9.82
C LEU B 174 -23.09 4.35 10.67
N VAL B 175 -22.59 3.81 11.79
CA VAL B 175 -23.44 2.88 12.54
C VAL B 175 -24.57 3.63 13.24
N GLN B 176 -24.36 4.91 13.58
CA GLN B 176 -25.45 5.76 14.05
C GLN B 176 -26.60 5.78 13.04
N ARG B 177 -26.28 6.06 11.78
CA ARG B 177 -27.28 6.09 10.72
C ARG B 177 -27.82 4.71 10.37
N LEU B 178 -27.13 3.64 10.75
CA LEU B 178 -27.70 2.30 10.63
C LEU B 178 -28.58 1.92 11.82
N GLY B 179 -28.81 2.82 12.78
CA GLY B 179 -29.66 2.49 13.90
C GLY B 179 -28.99 1.73 15.04
N TYR B 180 -27.67 1.72 15.11
CA TYR B 180 -26.99 1.13 16.25
C TYR B 180 -27.16 1.99 17.50
N GLN B 181 -27.04 1.36 18.67
CA GLN B 181 -27.17 2.05 19.94
C GLN B 181 -25.79 2.14 20.59
N LEU B 182 -25.36 3.36 20.92
CA LEU B 182 -24.10 3.57 21.62
C LEU B 182 -24.19 3.04 23.06
N ILE B 183 -23.21 2.23 23.45
CA ILE B 183 -23.20 1.67 24.80
C ILE B 183 -21.96 2.04 25.62
N ASN B 184 -20.86 2.47 25.02
CA ASN B 184 -19.66 2.74 25.82
C ASN B 184 -18.78 3.75 25.10
N THR B 185 -18.17 4.65 25.87
CA THR B 185 -17.17 5.58 25.35
C THR B 185 -15.97 5.53 26.27
N LEU B 186 -14.79 5.25 25.69
CA LEU B 186 -13.54 5.18 26.44
C LEU B 186 -12.55 6.12 25.78
N ARG B 187 -12.16 7.18 26.49
CA ARG B 187 -11.12 8.05 25.93
C ARG B 187 -9.76 7.37 26.12
N TYR B 188 -8.88 7.55 25.14
CA TYR B 188 -7.52 7.01 25.26
C TYR B 188 -6.77 7.63 26.44
N VAL B 189 -6.96 8.93 26.67
CA VAL B 189 -6.30 9.59 27.80
C VAL B 189 -6.81 9.09 29.15
N ASP B 190 -7.91 8.35 29.18
CA ASP B 190 -8.44 7.80 30.43
C ASP B 190 -8.07 6.34 30.65
N HIS B 191 -7.49 5.68 29.65
CA HIS B 191 -7.13 4.27 29.76
C HIS B 191 -5.64 4.18 30.05
N LEU B 192 -5.30 3.82 31.29
CA LEU B 192 -3.93 3.86 31.76
C LEU B 192 -3.55 2.51 32.32
N ASP B 193 -2.24 2.24 32.37
CA ASP B 193 -1.80 1.08 33.13
C ASP B 193 -1.79 1.44 34.61
N ALA B 194 -1.51 0.46 35.46
CA ALA B 194 -1.54 0.69 36.91
C ALA B 194 -0.45 1.63 37.39
N SER B 195 0.36 2.16 36.50
CA SER B 195 1.39 3.14 36.85
C SER B 195 1.04 4.56 36.42
N GLY B 196 -0.15 4.78 35.83
CA GLY B 196 -0.57 6.08 35.38
C GLY B 196 -0.26 6.39 33.94
N GLN B 197 0.48 5.53 33.27
CA GLN B 197 0.90 5.76 31.89
C GLN B 197 -0.23 5.49 30.91
N GLN B 198 -0.40 6.40 29.94
CA GLN B 198 -1.39 6.20 28.89
C GLN B 198 -0.90 5.10 27.96
N VAL B 199 -1.69 4.04 27.81
CA VAL B 199 -1.24 2.84 27.11
C VAL B 199 -1.20 3.07 25.59
N ILE B 200 -2.19 3.80 25.06
CA ILE B 200 -2.31 4.06 23.63
C ILE B 200 -2.43 5.58 23.43
N ARG B 201 -1.52 6.15 22.64
CA ARG B 201 -1.46 7.59 22.42
C ARG B 201 -1.60 7.85 20.93
N PRO B 202 -2.83 7.83 20.41
CA PRO B 202 -3.02 7.95 18.96
C PRO B 202 -2.89 9.39 18.50
N PRO B 203 -2.60 9.61 17.21
CA PRO B 203 -2.52 10.97 16.69
C PRO B 203 -3.89 11.56 16.47
N PRO B 204 -4.02 12.89 16.49
CA PRO B 204 -5.31 13.53 16.23
C PRO B 204 -5.89 13.05 14.91
N PRO B 205 -7.23 13.01 14.78
CA PRO B 205 -8.23 13.48 15.74
C PRO B 205 -8.84 12.42 16.66
N HIS B 206 -8.16 11.28 16.83
CA HIS B 206 -8.79 10.10 17.44
C HIS B 206 -8.72 10.19 18.95
N GLU B 207 -9.88 10.46 19.59
CA GLU B 207 -9.93 10.70 21.02
C GLU B 207 -10.53 9.57 21.84
N SER B 208 -11.45 8.77 21.28
CA SER B 208 -12.18 7.81 22.10
C SER B 208 -12.51 6.57 21.28
N VAL B 209 -12.75 5.46 21.98
CA VAL B 209 -13.40 4.27 21.41
C VAL B 209 -14.87 4.31 21.79
N GLN B 210 -15.75 4.21 20.79
CA GLN B 210 -17.20 4.21 21.01
C GLN B 210 -17.78 2.89 20.55
N THR B 211 -18.37 2.13 21.47
CA THR B 211 -18.92 0.81 21.18
C THR B 211 -20.42 0.92 20.92
N PHE B 212 -20.85 0.36 19.79
CA PHE B 212 -22.25 0.38 19.39
C PHE B 212 -22.76 -1.05 19.29
N VAL B 213 -24.07 -1.23 19.46
CA VAL B 213 -24.66 -2.55 19.25
C VAL B 213 -25.93 -2.41 18.42
N LEU B 214 -26.26 -3.48 17.72
CA LEU B 214 -27.51 -3.60 16.98
C LEU B 214 -28.17 -4.90 17.41
N HIS B 215 -29.42 -4.83 17.84
CA HIS B 215 -30.16 -6.05 18.15
C HIS B 215 -30.74 -6.64 16.87
N LEU B 216 -30.57 -7.94 16.69
CA LEU B 216 -31.03 -8.62 15.48
C LEU B 216 -32.32 -9.38 15.73
#